data_2LER
#
_entry.id   2LER
#
_entity_poly.entity_id   1
_entity_poly.type   'polypeptide(L)'
_entity_poly.pdbx_seq_one_letter_code
;SCSCKRNFLCC
;
_entity_poly.pdbx_strand_id   A
#
# COMPACT_ATOMS: atom_id res chain seq x y z
N SER A 1 2.07 -0.09 -8.46
CA SER A 1 1.93 -0.71 -7.13
C SER A 1 0.53 -0.55 -6.62
N CYS A 2 0.17 -1.26 -5.53
CA CYS A 2 -1.06 -1.04 -4.84
C CYS A 2 -0.98 0.17 -3.96
N SER A 3 -2.10 0.51 -3.29
CA SER A 3 -2.23 1.68 -2.47
C SER A 3 -1.46 1.57 -1.20
N CYS A 4 -0.30 2.23 -1.14
CA CYS A 4 0.59 2.18 -0.02
C CYS A 4 0.19 3.19 1.00
N LYS A 5 -0.41 4.31 0.55
CA LYS A 5 -0.99 5.33 1.36
C LYS A 5 -2.07 4.81 2.25
N ARG A 6 -2.94 3.93 1.73
CA ARG A 6 -3.83 3.11 2.49
C ARG A 6 -3.14 1.98 3.16
N ASN A 7 -2.98 0.86 2.43
CA ASN A 7 -2.41 -0.35 2.95
C ASN A 7 -0.93 -0.40 2.76
N PHE A 8 -0.15 0.12 3.72
CA PHE A 8 1.28 0.17 3.66
C PHE A 8 1.97 -1.15 3.70
N LEU A 9 1.27 -2.20 4.16
CA LEU A 9 1.74 -3.56 4.14
C LEU A 9 1.57 -4.20 2.81
N CYS A 10 1.07 -3.47 1.80
CA CYS A 10 0.82 -4.00 0.49
C CYS A 10 2.05 -4.05 -0.34
N CYS A 11 3.05 -3.19 -0.02
CA CYS A 11 4.14 -2.88 -0.88
C CYS A 11 5.37 -3.70 -0.54
N SER A 1 1.74 0.44 -8.38
CA SER A 1 1.63 -0.41 -7.17
C SER A 1 0.22 -0.54 -6.69
N CYS A 2 -0.02 -1.33 -5.62
CA CYS A 2 -1.18 -1.16 -4.81
C CYS A 2 -1.09 0.11 -4.04
N SER A 3 -2.19 0.56 -3.41
CA SER A 3 -2.24 1.81 -2.71
C SER A 3 -1.47 1.74 -1.43
N CYS A 4 -0.23 2.25 -1.45
CA CYS A 4 0.75 2.05 -0.43
C CYS A 4 0.49 2.94 0.74
N LYS A 5 -0.21 4.06 0.51
CA LYS A 5 -0.58 4.98 1.53
C LYS A 5 -1.75 4.48 2.32
N ARG A 6 -2.73 3.86 1.66
CA ARG A 6 -3.83 3.21 2.31
C ARG A 6 -3.43 1.93 2.97
N ASN A 7 -2.98 0.95 2.16
CA ASN A 7 -2.51 -0.32 2.59
C ASN A 7 -1.03 -0.36 2.72
N PHE A 8 -0.47 -0.02 3.89
CA PHE A 8 0.94 0.12 4.08
C PHE A 8 1.74 -1.14 4.09
N LEU A 9 1.14 -2.30 4.45
CA LEU A 9 1.78 -3.58 4.44
C LEU A 9 1.71 -4.22 3.11
N CYS A 10 1.30 -3.49 2.06
CA CYS A 10 1.08 -4.01 0.75
C CYS A 10 2.32 -4.02 -0.09
N CYS A 11 3.30 -3.14 0.20
CA CYS A 11 4.19 -2.63 -0.80
C CYS A 11 5.47 -3.46 -0.85
N SER A 1 1.53 -1.47 -8.92
CA SER A 1 1.50 -1.55 -7.44
C SER A 1 0.34 -0.87 -6.80
N CYS A 2 0.05 -1.24 -5.54
CA CYS A 2 -1.09 -0.83 -4.79
C CYS A 2 -0.89 0.46 -4.05
N SER A 3 -2.00 0.98 -3.51
CA SER A 3 -2.11 2.14 -2.68
C SER A 3 -1.35 2.03 -1.41
N CYS A 4 -0.17 2.65 -1.34
CA CYS A 4 0.75 2.56 -0.25
C CYS A 4 0.32 3.45 0.88
N LYS A 5 -0.37 4.56 0.58
CA LYS A 5 -0.92 5.46 1.54
C LYS A 5 -2.01 4.84 2.34
N ARG A 6 -2.80 3.93 1.75
CA ARG A 6 -3.75 3.13 2.48
C ARG A 6 -3.12 1.93 3.07
N ASN A 7 -2.89 0.89 2.24
CA ASN A 7 -2.46 -0.41 2.63
C ASN A 7 -1.01 -0.49 2.94
N PHE A 8 -0.66 -0.54 4.25
CA PHE A 8 0.68 -0.47 4.75
C PHE A 8 1.49 -1.72 4.69
N LEU A 9 0.89 -2.89 4.40
CA LEU A 9 1.59 -4.12 4.17
C LEU A 9 1.79 -4.37 2.72
N CYS A 10 1.44 -3.42 1.84
CA CYS A 10 1.23 -3.72 0.46
C CYS A 10 2.42 -3.53 -0.42
N CYS A 11 3.38 -2.66 -0.07
CA CYS A 11 4.41 -2.25 -0.98
C CYS A 11 5.66 -3.10 -0.80
N SER A 1 1.59 -0.27 -8.90
CA SER A 1 1.53 -1.01 -7.61
C SER A 1 0.42 -0.58 -6.74
N CYS A 2 0.11 -1.36 -5.67
CA CYS A 2 -0.96 -1.10 -4.78
C CYS A 2 -0.77 0.10 -3.91
N SER A 3 -1.85 0.52 -3.25
CA SER A 3 -1.95 1.72 -2.48
C SER A 3 -1.22 1.61 -1.17
N CYS A 4 -0.04 2.25 -1.09
CA CYS A 4 0.82 2.20 0.06
C CYS A 4 0.41 3.23 1.05
N LYS A 5 -0.22 4.31 0.58
CA LYS A 5 -0.86 5.31 1.39
C LYS A 5 -1.93 4.72 2.25
N ARG A 6 -2.80 3.88 1.67
CA ARG A 6 -3.80 3.16 2.40
C ARG A 6 -3.25 1.96 3.10
N ASN A 7 -3.02 0.88 2.32
CA ASN A 7 -2.64 -0.40 2.81
C ASN A 7 -1.15 -0.54 2.84
N PHE A 8 -0.50 -0.08 3.93
CA PHE A 8 0.91 0.06 4.05
C PHE A 8 1.70 -1.21 4.07
N LEU A 9 1.04 -2.35 4.31
CA LEU A 9 1.65 -3.65 4.23
C LEU A 9 1.70 -4.19 2.84
N CYS A 10 1.11 -3.49 1.85
CA CYS A 10 0.99 -3.98 0.52
C CYS A 10 2.24 -3.92 -0.28
N CYS A 11 3.19 -3.04 0.12
CA CYS A 11 4.04 -2.35 -0.79
C CYS A 11 5.36 -3.07 -1.04
N SER A 1 1.82 -0.65 -8.67
CA SER A 1 1.75 -0.99 -7.23
C SER A 1 0.39 -0.78 -6.66
N CYS A 2 0.05 -1.42 -5.53
CA CYS A 2 -1.14 -1.15 -4.79
C CYS A 2 -0.95 -0.02 -3.85
N SER A 3 -2.05 0.61 -3.38
CA SER A 3 -2.07 1.80 -2.58
C SER A 3 -1.42 1.65 -1.25
N CYS A 4 -0.23 2.25 -1.08
CA CYS A 4 0.59 2.06 0.07
C CYS A 4 0.37 3.09 1.12
N LYS A 5 -0.28 4.23 0.78
CA LYS A 5 -0.69 5.20 1.74
C LYS A 5 -1.85 4.70 2.53
N ARG A 6 -2.74 3.92 1.89
CA ARG A 6 -3.76 3.16 2.54
C ARG A 6 -3.21 1.90 3.12
N ASN A 7 -3.13 0.84 2.29
CA ASN A 7 -2.59 -0.43 2.65
C ASN A 7 -1.10 -0.43 2.65
N PHE A 8 -0.48 0.04 3.73
CA PHE A 8 0.94 0.18 3.90
C PHE A 8 1.69 -1.11 3.87
N LEU A 9 1.02 -2.23 4.15
CA LEU A 9 1.57 -3.55 4.06
C LEU A 9 1.58 -4.07 2.66
N CYS A 10 1.20 -3.28 1.64
CA CYS A 10 1.06 -3.74 0.30
C CYS A 10 2.25 -3.45 -0.54
N CYS A 11 3.31 -2.79 -0.03
CA CYS A 11 4.49 -2.53 -0.77
C CYS A 11 5.49 -3.67 -0.66
N SER A 1 1.85 -0.99 -8.67
CA SER A 1 1.79 -1.28 -7.22
C SER A 1 0.50 -0.87 -6.59
N CYS A 2 0.09 -1.50 -5.47
CA CYS A 2 -1.07 -1.10 -4.74
C CYS A 2 -0.80 0.09 -3.89
N SER A 3 -1.88 0.70 -3.34
CA SER A 3 -1.85 1.89 -2.56
C SER A 3 -1.26 1.68 -1.20
N CYS A 4 0.06 1.92 -1.08
CA CYS A 4 0.79 1.73 0.13
C CYS A 4 0.55 2.83 1.10
N LYS A 5 0.04 3.97 0.61
CA LYS A 5 -0.54 5.00 1.42
C LYS A 5 -1.72 4.52 2.21
N ARG A 6 -2.65 3.73 1.63
CA ARG A 6 -3.72 3.16 2.38
C ARG A 6 -3.33 1.94 3.12
N ASN A 7 -3.20 0.80 2.42
CA ASN A 7 -2.78 -0.45 2.98
C ASN A 7 -1.29 -0.52 3.07
N PHE A 8 -0.72 -0.28 4.28
CA PHE A 8 0.67 -0.07 4.48
C PHE A 8 1.55 -1.27 4.33
N LEU A 9 0.99 -2.48 4.27
CA LEU A 9 1.70 -3.67 3.93
C LEU A 9 1.79 -3.88 2.45
N CYS A 10 1.10 -3.06 1.64
CA CYS A 10 0.92 -3.28 0.23
C CYS A 10 1.91 -2.52 -0.57
N CYS A 11 3.18 -2.47 -0.12
CA CYS A 11 4.26 -1.91 -0.86
C CYS A 11 4.93 -3.02 -1.66
N SER A 1 1.74 -0.05 -8.62
CA SER A 1 1.52 -0.87 -7.41
C SER A 1 0.23 -0.59 -6.73
N CYS A 2 -0.15 -1.43 -5.75
CA CYS A 2 -1.25 -1.17 -4.86
C CYS A 2 -1.03 0.04 -4.03
N SER A 3 -2.13 0.65 -3.57
CA SER A 3 -2.20 1.84 -2.78
C SER A 3 -1.53 1.67 -1.46
N CYS A 4 -0.29 2.19 -1.33
CA CYS A 4 0.56 1.90 -0.22
C CYS A 4 0.32 2.85 0.90
N LYS A 5 -0.15 4.07 0.60
CA LYS A 5 -0.48 5.08 1.57
C LYS A 5 -1.59 4.61 2.44
N ARG A 6 -2.54 3.88 1.82
CA ARG A 6 -3.65 3.26 2.48
C ARG A 6 -3.22 1.95 3.08
N ASN A 7 -3.09 0.91 2.24
CA ASN A 7 -2.60 -0.38 2.60
C ASN A 7 -1.11 -0.44 2.75
N PHE A 8 -0.58 -0.11 3.95
CA PHE A 8 0.81 0.03 4.24
C PHE A 8 1.61 -1.22 4.22
N LEU A 9 0.99 -2.40 4.37
CA LEU A 9 1.65 -3.66 4.24
C LEU A 9 1.74 -4.12 2.83
N CYS A 10 1.27 -3.34 1.84
CA CYS A 10 1.18 -3.78 0.48
C CYS A 10 2.39 -3.50 -0.33
N CYS A 11 3.35 -2.69 0.15
CA CYS A 11 4.55 -2.37 -0.56
C CYS A 11 5.57 -3.49 -0.43
N SER A 1 1.83 -0.58 -8.68
CA SER A 1 1.64 -1.11 -7.31
C SER A 1 0.27 -0.89 -6.77
N CYS A 2 -0.06 -1.48 -5.60
CA CYS A 2 -1.17 -1.08 -4.79
C CYS A 2 -0.85 0.14 -4.01
N SER A 3 -1.85 0.73 -3.32
CA SER A 3 -1.73 1.96 -2.60
C SER A 3 -1.13 1.80 -1.25
N CYS A 4 0.10 2.34 -1.07
CA CYS A 4 0.88 2.19 0.12
C CYS A 4 0.47 3.14 1.19
N LYS A 5 -0.22 4.24 0.83
CA LYS A 5 -0.78 5.15 1.77
C LYS A 5 -1.98 4.57 2.43
N ARG A 6 -2.82 3.82 1.69
CA ARG A 6 -3.90 3.08 2.24
C ARG A 6 -3.43 1.84 2.93
N ASN A 7 -3.09 0.80 2.18
CA ASN A 7 -2.57 -0.42 2.71
C ASN A 7 -1.08 -0.43 2.73
N PHE A 8 -0.48 -0.04 3.86
CA PHE A 8 0.93 0.13 4.05
C PHE A 8 1.72 -1.13 4.16
N LEU A 9 1.07 -2.31 4.27
CA LEU A 9 1.73 -3.58 4.24
C LEU A 9 1.76 -4.17 2.88
N CYS A 10 1.24 -3.45 1.87
CA CYS A 10 0.97 -3.95 0.56
C CYS A 10 2.13 -3.77 -0.37
N CYS A 11 3.14 -3.00 0.05
CA CYS A 11 3.95 -2.24 -0.86
C CYS A 11 5.17 -2.98 -1.40
N SER A 1 1.51 -2.59 -7.65
CA SER A 1 1.28 -2.41 -6.21
C SER A 1 0.06 -1.60 -5.92
N CYS A 2 -0.65 -1.91 -4.81
CA CYS A 2 -1.65 -1.06 -4.25
C CYS A 2 -1.00 0.06 -3.53
N SER A 3 -1.75 1.10 -3.14
CA SER A 3 -1.19 2.26 -2.52
C SER A 3 -0.81 2.01 -1.09
N CYS A 4 0.45 2.29 -0.73
CA CYS A 4 0.99 2.08 0.58
C CYS A 4 0.55 3.12 1.56
N LYS A 5 0.14 4.30 1.09
CA LYS A 5 -0.56 5.27 1.87
C LYS A 5 -1.85 4.76 2.40
N ARG A 6 -2.59 3.95 1.62
CA ARG A 6 -3.73 3.22 2.07
C ARG A 6 -3.35 1.95 2.74
N ASN A 7 -3.23 0.85 1.97
CA ASN A 7 -2.89 -0.46 2.44
C ASN A 7 -1.41 -0.63 2.57
N PHE A 8 -0.87 -0.56 3.79
CA PHE A 8 0.52 -0.53 4.11
C PHE A 8 1.31 -1.75 3.78
N LEU A 9 0.61 -2.86 3.47
CA LEU A 9 1.17 -4.11 3.07
C LEU A 9 1.59 -4.08 1.64
N CYS A 10 1.16 -3.07 0.86
CA CYS A 10 1.42 -3.01 -0.53
C CYS A 10 2.60 -2.20 -0.92
N CYS A 11 3.59 -1.95 -0.04
CA CYS A 11 4.74 -1.18 -0.37
C CYS A 11 5.72 -1.94 -1.25
N SER A 1 2.17 -1.31 -8.62
CA SER A 1 1.98 -1.49 -7.17
C SER A 1 0.67 -0.97 -6.67
N CYS A 2 0.17 -1.51 -5.54
CA CYS A 2 -1.05 -1.10 -4.92
C CYS A 2 -0.82 0.04 -3.99
N SER A 3 -1.89 0.56 -3.36
CA SER A 3 -1.85 1.71 -2.51
C SER A 3 -1.25 1.44 -1.18
N CYS A 4 0.01 1.86 -0.98
CA CYS A 4 0.69 1.70 0.27
C CYS A 4 0.42 2.87 1.17
N LYS A 5 0.00 4.01 0.59
CA LYS A 5 -0.54 5.12 1.29
C LYS A 5 -1.74 4.73 2.09
N ARG A 6 -2.61 3.86 1.55
CA ARG A 6 -3.62 3.20 2.31
C ARG A 6 -3.08 2.08 3.15
N ASN A 7 -3.18 0.83 2.70
CA ASN A 7 -2.79 -0.30 3.49
C ASN A 7 -1.31 -0.50 3.40
N PHE A 8 -0.62 -0.43 4.55
CA PHE A 8 0.79 -0.31 4.71
C PHE A 8 1.61 -1.49 4.30
N LEU A 9 1.00 -2.68 4.17
CA LEU A 9 1.63 -3.87 3.69
C LEU A 9 1.73 -3.90 2.21
N CYS A 10 0.96 -3.05 1.51
CA CYS A 10 0.74 -3.10 0.10
C CYS A 10 1.72 -2.27 -0.64
N CYS A 11 3.01 -2.34 -0.25
CA CYS A 11 4.11 -1.62 -0.81
C CYS A 11 4.80 -2.45 -1.88
N SER A 1 1.51 -0.44 -8.73
CA SER A 1 1.46 -1.02 -7.36
C SER A 1 0.18 -0.72 -6.65
N CYS A 2 -0.17 -1.53 -5.63
CA CYS A 2 -1.26 -1.25 -4.76
C CYS A 2 -0.97 -0.10 -3.87
N SER A 3 -2.01 0.58 -3.36
CA SER A 3 -1.88 1.82 -2.64
C SER A 3 -1.23 1.66 -1.30
N CYS A 4 0.03 2.09 -1.16
CA CYS A 4 0.84 1.85 -0.01
C CYS A 4 0.62 2.86 1.07
N LYS A 5 0.03 4.03 0.74
CA LYS A 5 -0.40 4.98 1.72
C LYS A 5 -1.54 4.46 2.52
N ARG A 6 -2.47 3.75 1.86
CA ARG A 6 -3.66 3.20 2.44
C ARG A 6 -3.42 1.84 2.99
N ASN A 7 -3.20 0.86 2.09
CA ASN A 7 -2.79 -0.47 2.42
C ASN A 7 -1.33 -0.50 2.71
N PHE A 8 -0.95 -0.22 3.96
CA PHE A 8 0.38 0.07 4.39
C PHE A 8 1.34 -1.06 4.27
N LEU A 9 0.85 -2.30 4.30
CA LEU A 9 1.64 -3.48 4.11
C LEU A 9 1.90 -3.80 2.67
N CYS A 10 1.31 -3.05 1.72
CA CYS A 10 1.21 -3.48 0.36
C CYS A 10 2.31 -2.94 -0.50
N CYS A 11 3.48 -2.56 0.06
CA CYS A 11 4.62 -2.25 -0.74
C CYS A 11 5.40 -3.53 -0.96
N SER A 1 1.55 -1.99 -7.60
CA SER A 1 1.11 -2.36 -6.23
C SER A 1 0.00 -1.49 -5.73
N CYS A 2 -0.71 -1.93 -4.66
CA CYS A 2 -1.69 -1.14 -3.98
C CYS A 2 -1.06 0.01 -3.28
N SER A 3 -1.81 1.09 -3.04
CA SER A 3 -1.28 2.35 -2.58
C SER A 3 -0.71 2.33 -1.21
N CYS A 4 0.49 2.91 -0.99
CA CYS A 4 1.14 2.93 0.29
C CYS A 4 0.49 3.83 1.28
N LYS A 5 -0.30 4.81 0.84
CA LYS A 5 -1.03 5.69 1.71
C LYS A 5 -2.20 4.98 2.29
N ARG A 6 -2.86 4.10 1.51
CA ARG A 6 -3.78 3.12 2.00
C ARG A 6 -3.14 1.92 2.63
N ASN A 7 -2.84 0.90 1.81
CA ASN A 7 -2.60 -0.45 2.25
C ASN A 7 -1.14 -0.72 2.39
N PHE A 8 -0.63 -0.73 3.64
CA PHE A 8 0.76 -0.74 3.96
C PHE A 8 1.49 -2.01 3.64
N LEU A 9 0.80 -3.15 3.58
CA LEU A 9 1.39 -4.42 3.28
C LEU A 9 1.68 -4.55 1.83
N CYS A 10 1.15 -3.64 0.98
CA CYS A 10 1.42 -3.64 -0.43
C CYS A 10 2.67 -2.94 -0.80
N CYS A 11 3.38 -2.27 0.13
CA CYS A 11 4.45 -1.38 -0.19
C CYS A 11 5.71 -2.11 -0.62
N SER A 1 2.45 0.11 -8.09
CA SER A 1 2.08 -0.64 -6.85
C SER A 1 0.62 -0.59 -6.54
N CYS A 2 0.18 -1.33 -5.51
CA CYS A 2 -1.09 -1.15 -4.90
C CYS A 2 -1.11 0.09 -4.07
N SER A 3 -2.20 0.38 -3.33
CA SER A 3 -2.36 1.58 -2.57
C SER A 3 -1.54 1.61 -1.32
N CYS A 4 -0.32 2.16 -1.41
CA CYS A 4 0.61 2.17 -0.33
C CYS A 4 0.31 3.24 0.67
N LYS A 5 -0.33 4.35 0.26
CA LYS A 5 -0.83 5.34 1.16
C LYS A 5 -1.84 4.81 2.11
N ARG A 6 -2.69 3.87 1.66
CA ARG A 6 -3.62 3.18 2.51
C ARG A 6 -2.98 2.01 3.20
N ASN A 7 -2.92 0.87 2.52
CA ASN A 7 -2.50 -0.38 3.06
C ASN A 7 -1.00 -0.49 3.01
N PHE A 8 -0.32 -0.13 4.11
CA PHE A 8 1.11 -0.01 4.14
C PHE A 8 1.85 -1.30 4.12
N LEU A 9 1.18 -2.45 4.35
CA LEU A 9 1.76 -3.75 4.21
C LEU A 9 1.71 -4.25 2.81
N CYS A 10 1.06 -3.51 1.89
CA CYS A 10 0.81 -3.97 0.55
C CYS A 10 2.00 -3.89 -0.34
N CYS A 11 2.97 -3.03 0.00
CA CYS A 11 3.79 -2.39 -0.99
C CYS A 11 5.03 -3.17 -1.37
N SER A 1 1.69 -1.66 -8.69
CA SER A 1 1.80 -1.51 -7.23
C SER A 1 0.63 -0.83 -6.62
N CYS A 2 0.15 -1.38 -5.48
CA CYS A 2 -1.06 -0.98 -4.82
C CYS A 2 -0.85 0.19 -3.93
N SER A 3 -1.93 0.68 -3.28
CA SER A 3 -1.92 1.81 -2.40
C SER A 3 -1.24 1.55 -1.10
N CYS A 4 0.04 1.93 -0.97
CA CYS A 4 0.80 1.75 0.23
C CYS A 4 0.59 2.86 1.19
N LYS A 5 0.08 4.01 0.69
CA LYS A 5 -0.50 5.06 1.47
C LYS A 5 -1.64 4.57 2.31
N ARG A 6 -2.56 3.81 1.73
CA ARG A 6 -3.66 3.21 2.42
C ARG A 6 -3.27 1.94 3.09
N ASN A 7 -3.25 0.80 2.36
CA ASN A 7 -2.84 -0.47 2.88
C ASN A 7 -1.36 -0.55 3.03
N PHE A 8 -0.85 -0.35 4.25
CA PHE A 8 0.54 -0.12 4.54
C PHE A 8 1.45 -1.29 4.34
N LEU A 9 0.88 -2.50 4.17
CA LEU A 9 1.58 -3.71 3.86
C LEU A 9 1.76 -3.92 2.39
N CYS A 10 1.14 -3.05 1.56
CA CYS A 10 1.01 -3.22 0.15
C CYS A 10 2.02 -2.46 -0.63
N CYS A 11 3.28 -2.36 -0.14
CA CYS A 11 4.34 -1.75 -0.88
C CYS A 11 5.02 -2.77 -1.78
N SER A 1 1.87 0.45 -8.29
CA SER A 1 1.72 -0.42 -7.10
C SER A 1 0.34 -0.40 -6.56
N CYS A 2 0.01 -1.27 -5.59
CA CYS A 2 -1.20 -1.15 -4.83
C CYS A 2 -1.16 0.06 -3.97
N SER A 3 -2.30 0.49 -3.41
CA SER A 3 -2.43 1.65 -2.59
C SER A 3 -1.72 1.52 -1.28
N CYS A 4 -0.42 1.87 -1.27
CA CYS A 4 0.47 1.67 -0.17
C CYS A 4 0.40 2.82 0.78
N LYS A 5 -0.10 3.97 0.28
CA LYS A 5 -0.48 5.08 1.09
C LYS A 5 -1.59 4.73 2.03
N ARG A 6 -2.56 3.91 1.59
CA ARG A 6 -3.52 3.32 2.47
C ARG A 6 -3.03 2.08 3.13
N ASN A 7 -3.13 0.93 2.44
CA ASN A 7 -2.69 -0.35 2.90
C ASN A 7 -1.21 -0.52 2.80
N PHE A 8 -0.49 -0.06 3.83
CA PHE A 8 0.93 0.09 3.86
C PHE A 8 1.72 -1.19 3.90
N LEU A 9 1.08 -2.32 4.25
CA LEU A 9 1.68 -3.62 4.24
C LEU A 9 1.74 -4.20 2.87
N CYS A 10 1.19 -3.49 1.87
CA CYS A 10 1.13 -3.91 0.51
C CYS A 10 2.33 -3.61 -0.30
N CYS A 11 3.29 -2.81 0.22
CA CYS A 11 4.48 -2.43 -0.48
C CYS A 11 5.49 -3.56 -0.48
N SER A 1 1.89 -0.30 -8.39
CA SER A 1 1.46 -1.17 -7.28
C SER A 1 0.26 -0.66 -6.57
N CYS A 2 -0.29 -1.46 -5.65
CA CYS A 2 -1.37 -1.12 -4.75
C CYS A 2 -1.08 0.08 -3.91
N SER A 3 -2.12 0.71 -3.34
CA SER A 3 -1.98 1.89 -2.54
C SER A 3 -1.32 1.62 -1.23
N CYS A 4 -0.04 2.00 -1.11
CA CYS A 4 0.78 1.78 0.04
C CYS A 4 0.57 2.87 1.05
N LYS A 5 0.04 4.02 0.60
CA LYS A 5 -0.49 5.04 1.45
C LYS A 5 -1.61 4.54 2.30
N ARG A 6 -2.54 3.77 1.71
CA ARG A 6 -3.67 3.22 2.40
C ARG A 6 -3.36 1.91 3.03
N ASN A 7 -3.21 0.87 2.19
CA ASN A 7 -2.78 -0.45 2.55
C ASN A 7 -1.30 -0.50 2.74
N PHE A 8 -0.83 -0.18 3.95
CA PHE A 8 0.55 0.07 4.25
C PHE A 8 1.47 -1.11 4.21
N LEU A 9 0.92 -2.34 4.27
CA LEU A 9 1.67 -3.55 4.13
C LEU A 9 1.82 -3.97 2.71
N CYS A 10 1.31 -3.18 1.74
CA CYS A 10 1.21 -3.58 0.37
C CYS A 10 2.35 -3.13 -0.48
N CYS A 11 3.48 -2.65 0.08
CA CYS A 11 4.60 -2.24 -0.70
C CYS A 11 5.47 -3.42 -1.12
N SER A 1 1.82 -0.29 -8.68
CA SER A 1 1.60 -0.90 -7.35
C SER A 1 0.24 -0.70 -6.79
N CYS A 2 -0.08 -1.39 -5.68
CA CYS A 2 -1.19 -1.09 -4.84
C CYS A 2 -0.99 0.17 -4.08
N SER A 3 -2.07 0.69 -3.46
CA SER A 3 -2.07 1.88 -2.67
C SER A 3 -1.33 1.73 -1.39
N CYS A 4 -0.19 2.43 -1.28
CA CYS A 4 0.77 2.26 -0.24
C CYS A 4 0.44 3.15 0.91
N LYS A 5 -0.17 4.32 0.65
CA LYS A 5 -0.65 5.23 1.64
C LYS A 5 -1.76 4.64 2.44
N ARG A 6 -2.63 3.86 1.77
CA ARG A 6 -3.73 3.17 2.37
C ARG A 6 -3.32 1.88 2.98
N ASN A 7 -3.08 0.84 2.16
CA ASN A 7 -2.70 -0.46 2.62
C ASN A 7 -1.23 -0.50 2.88
N PHE A 8 -0.83 -0.31 4.15
CA PHE A 8 0.53 -0.01 4.52
C PHE A 8 1.50 -1.12 4.39
N LEU A 9 1.08 -2.40 4.47
CA LEU A 9 1.94 -3.53 4.28
C LEU A 9 2.05 -3.97 2.87
N CYS A 10 1.33 -3.33 1.92
CA CYS A 10 1.12 -3.87 0.61
C CYS A 10 2.31 -3.87 -0.29
N CYS A 11 3.32 -3.02 -0.04
CA CYS A 11 4.28 -2.66 -1.05
C CYS A 11 5.54 -3.51 -1.06
N SER A 1 1.70 -0.22 -8.84
CA SER A 1 1.74 -0.84 -7.49
C SER A 1 0.52 -0.50 -6.71
N CYS A 2 0.16 -1.32 -5.70
CA CYS A 2 -1.00 -1.08 -4.89
C CYS A 2 -0.84 0.08 -3.99
N SER A 3 -1.97 0.54 -3.40
CA SER A 3 -2.05 1.70 -2.58
C SER A 3 -1.33 1.60 -1.29
N CYS A 4 -0.11 2.19 -1.22
CA CYS A 4 0.74 2.17 -0.08
C CYS A 4 0.32 3.17 0.93
N LYS A 5 -0.34 4.26 0.50
CA LYS A 5 -0.90 5.25 1.37
C LYS A 5 -2.01 4.72 2.20
N ARG A 6 -2.82 3.79 1.69
CA ARG A 6 -3.80 3.10 2.48
C ARG A 6 -3.17 1.95 3.19
N ASN A 7 -2.93 0.84 2.47
CA ASN A 7 -2.41 -0.37 3.02
C ASN A 7 -0.93 -0.40 2.91
N PHE A 8 -0.22 0.05 3.96
CA PHE A 8 1.21 0.07 4.06
C PHE A 8 1.86 -1.28 4.11
N LEU A 9 1.05 -2.35 4.27
CA LEU A 9 1.45 -3.72 4.25
C LEU A 9 1.43 -4.29 2.87
N CYS A 10 1.05 -3.49 1.86
CA CYS A 10 0.89 -3.95 0.51
C CYS A 10 2.13 -3.81 -0.32
N CYS A 11 3.10 -3.01 0.15
CA CYS A 11 4.06 -2.32 -0.67
C CYS A 11 5.30 -3.16 -0.90
N SER A 1 1.90 -0.75 -8.73
CA SER A 1 1.78 -1.05 -7.29
C SER A 1 0.41 -0.82 -6.74
N CYS A 2 0.06 -1.53 -5.64
CA CYS A 2 -1.11 -1.23 -4.87
C CYS A 2 -0.84 -0.11 -3.92
N SER A 3 -1.90 0.37 -3.25
CA SER A 3 -1.89 1.56 -2.45
C SER A 3 -1.28 1.38 -1.11
N CYS A 4 -0.03 1.86 -0.93
CA CYS A 4 0.71 1.79 0.29
C CYS A 4 0.43 2.92 1.21
N LYS A 5 0.00 4.08 0.68
CA LYS A 5 -0.54 5.17 1.45
C LYS A 5 -1.79 4.78 2.17
N ARG A 6 -2.62 3.92 1.57
CA ARG A 6 -3.67 3.23 2.24
C ARG A 6 -3.18 2.06 3.04
N ASN A 7 -3.18 0.85 2.47
CA ASN A 7 -2.74 -0.32 3.17
C ASN A 7 -1.25 -0.47 3.16
N PHE A 8 -0.56 -0.18 4.26
CA PHE A 8 0.87 -0.09 4.37
C PHE A 8 1.64 -1.35 4.13
N LEU A 9 0.96 -2.50 4.18
CA LEU A 9 1.50 -3.78 3.85
C LEU A 9 1.65 -3.98 2.39
N CYS A 10 1.01 -3.13 1.55
CA CYS A 10 0.93 -3.33 0.14
C CYS A 10 2.00 -2.63 -0.63
N CYS A 11 3.18 -2.39 -0.02
CA CYS A 11 4.33 -1.88 -0.70
C CYS A 11 5.09 -3.07 -1.29
N SER A 1 1.77 -0.68 -8.65
CA SER A 1 1.83 -0.90 -7.18
C SER A 1 0.52 -0.59 -6.56
N CYS A 2 0.14 -1.27 -5.47
CA CYS A 2 -1.10 -1.04 -4.79
C CYS A 2 -1.03 0.18 -3.93
N SER A 3 -2.12 0.54 -3.25
CA SER A 3 -2.26 1.74 -2.48
C SER A 3 -1.44 1.72 -1.23
N CYS A 4 -0.20 2.25 -1.30
CA CYS A 4 0.77 2.17 -0.26
C CYS A 4 0.55 3.22 0.77
N LYS A 5 -0.15 4.30 0.39
CA LYS A 5 -0.70 5.25 1.31
C LYS A 5 -1.65 4.61 2.26
N ARG A 6 -2.63 3.84 1.74
CA ARG A 6 -3.64 3.21 2.52
C ARG A 6 -3.21 1.92 3.13
N ASN A 7 -3.06 0.86 2.32
CA ASN A 7 -2.65 -0.43 2.77
C ASN A 7 -1.17 -0.54 2.81
N PHE A 8 -0.61 -0.27 4.00
CA PHE A 8 0.79 -0.08 4.24
C PHE A 8 1.62 -1.31 4.16
N LEU A 9 1.06 -2.51 4.34
CA LEU A 9 1.75 -3.74 4.14
C LEU A 9 1.76 -4.19 2.73
N CYS A 10 1.17 -3.44 1.78
CA CYS A 10 0.99 -3.87 0.43
C CYS A 10 2.17 -3.62 -0.44
N CYS A 11 3.12 -2.81 0.06
CA CYS A 11 4.13 -2.14 -0.69
C CYS A 11 5.34 -3.01 -0.95
#